data_4DJB
#
_entry.id   4DJB
#
_cell.length_a   56.429
_cell.length_b   67.222
_cell.length_c   87.340
_cell.angle_alpha   90.00
_cell.angle_beta   90.00
_cell.angle_gamma   90.00
#
_symmetry.space_group_name_H-M   'P 21 21 21'
#
loop_
_entity.id
_entity.type
_entity.pdbx_description
1 polymer E4-ORF3
2 water water
#
_entity_poly.entity_id   1
_entity_poly.type   'polypeptide(L)'
_entity_poly.pdbx_seq_one_letter_code
;(MSE)GSSHHHHHHSQDP(MSE)IRCLRLKVEGALEQIFT(MSE)AGLNIRDLLRDILRRWRDENYLG(MSE)VEGAG
(MSE)FIEEIHPEGFSLYVHLDVRAVSLLEAIVQHLTEAIISSLAVEFDHATGGERVHLIDLHFEVLDNLLE
;
_entity_poly.pdbx_strand_id   A,B
#
# COMPACT_ATOMS: atom_id res chain seq x y z
N ASP A 13 18.73 -4.52 3.60
CA ASP A 13 19.36 -3.68 2.58
C ASP A 13 18.33 -2.86 1.79
N PRO A 14 17.34 -3.52 1.17
CA PRO A 14 16.26 -2.81 0.48
C PRO A 14 15.57 -1.81 1.41
N ILE A 16 12.06 -0.61 1.45
CA ILE A 16 10.71 -0.68 0.87
C ILE A 16 9.80 0.34 1.53
N ARG A 17 9.19 1.19 0.72
CA ARG A 17 8.28 2.21 1.26
C ARG A 17 6.97 2.23 0.47
N CYS A 18 5.96 2.85 1.06
CA CYS A 18 4.72 3.09 0.37
C CYS A 18 4.47 4.59 0.38
N LEU A 19 4.33 5.17 -0.80
CA LEU A 19 4.01 6.59 -0.93
C LEU A 19 2.51 6.75 -1.11
N ARG A 20 1.87 7.57 -0.28
CA ARG A 20 0.41 7.73 -0.34
C ARG A 20 0.02 9.17 -0.61
N LEU A 21 -0.70 9.37 -1.71
CA LEU A 21 -1.12 10.70 -2.13
C LEU A 21 -2.64 10.85 -2.05
N LYS A 22 -3.11 11.72 -1.17
CA LYS A 22 -4.55 11.95 -1.00
C LYS A 22 -5.16 12.89 -2.04
N VAL A 23 -6.25 12.46 -2.68
CA VAL A 23 -6.99 13.32 -3.59
C VAL A 23 -8.38 13.60 -3.03
N GLU A 24 -8.56 14.82 -2.53
CA GLU A 24 -9.86 15.29 -2.02
C GLU A 24 -10.99 15.04 -3.02
N GLY A 25 -12.16 14.68 -2.50
CA GLY A 25 -13.34 14.49 -3.34
C GLY A 25 -13.68 15.71 -4.18
N ALA A 26 -13.50 16.91 -3.63
CA ALA A 26 -13.82 18.12 -4.37
C ALA A 26 -12.85 18.36 -5.53
N LEU A 27 -11.60 17.97 -5.35
CA LEU A 27 -10.62 18.08 -6.42
C LEU A 27 -10.96 17.12 -7.57
N GLU A 28 -11.32 15.89 -7.22
CA GLU A 28 -11.75 14.92 -8.22
C GLU A 28 -12.97 15.45 -8.98
N GLN A 29 -13.91 16.05 -8.23
CA GLN A 29 -15.10 16.60 -8.86
C GLN A 29 -14.76 17.79 -9.75
N ILE A 30 -13.83 18.62 -9.32
CA ILE A 30 -13.36 19.70 -10.18
C ILE A 30 -12.84 19.18 -11.54
N PHE A 31 -12.09 18.09 -11.52
CA PHE A 31 -11.58 17.51 -12.75
C PHE A 31 -12.69 16.87 -13.58
N THR A 32 -13.58 16.15 -12.91
CA THR A 32 -14.73 15.56 -13.59
C THR A 32 -15.55 16.61 -14.32
N ALA A 34 -14.49 19.30 -15.55
CA ALA A 34 -13.72 19.72 -16.71
C ALA A 34 -13.69 18.64 -17.80
N GLY A 35 -14.37 17.52 -17.55
CA GLY A 35 -14.36 16.40 -18.49
C GLY A 35 -13.15 15.48 -18.32
N LEU A 36 -12.46 15.61 -17.20
CA LEU A 36 -11.22 14.87 -16.98
C LEU A 36 -11.38 13.78 -15.91
N ASN A 37 -10.73 12.65 -16.14
CA ASN A 37 -10.67 11.58 -15.14
C ASN A 37 -9.29 11.64 -14.46
N ILE A 38 -9.26 12.23 -13.28
CA ILE A 38 -8.01 12.43 -12.56
C ILE A 38 -7.33 11.11 -12.15
N ARG A 39 -8.10 10.07 -11.88
CA ARG A 39 -7.50 8.78 -11.53
C ARG A 39 -6.71 8.23 -12.71
N ASP A 40 -7.29 8.36 -13.91
CA ASP A 40 -6.64 7.88 -15.12
C ASP A 40 -5.44 8.76 -15.47
N LEU A 41 -5.54 10.06 -15.20
CA LEU A 41 -4.42 10.97 -15.45
C LEU A 41 -3.24 10.66 -14.55
N LEU A 42 -3.51 10.42 -13.26
CA LEU A 42 -2.47 10.03 -12.31
C LEU A 42 -1.83 8.70 -12.72
N ARG A 43 -2.68 7.76 -13.13
CA ARG A 43 -2.19 6.47 -13.61
C ARG A 43 -1.20 6.69 -14.76
N ASP A 44 -1.57 7.57 -15.69
CA ASP A 44 -0.75 7.79 -16.87
C ASP A 44 0.56 8.52 -16.59
N ILE A 45 0.52 9.44 -15.61
CA ILE A 45 1.72 10.14 -15.20
C ILE A 45 2.74 9.16 -14.62
N LEU A 46 2.26 8.26 -13.76
CA LEU A 46 3.12 7.26 -13.17
C LEU A 46 3.60 6.23 -14.20
N ARG A 47 2.76 5.90 -15.17
CA ARG A 47 3.20 5.02 -16.25
C ARG A 47 4.27 5.67 -17.14
N ARG A 48 4.22 6.99 -17.31
CA ARG A 48 5.23 7.68 -18.13
C ARG A 48 6.56 7.67 -17.40
N TRP A 49 6.50 7.78 -16.07
CA TRP A 49 7.70 7.69 -15.25
C TRP A 49 8.31 6.29 -15.42
N ARG A 50 7.48 5.27 -15.26
CA ARG A 50 7.88 3.89 -15.55
C ARG A 50 8.49 3.76 -16.93
N ASP A 51 7.84 4.34 -17.93
CA ASP A 51 8.26 4.17 -19.31
C ASP A 51 9.53 4.94 -19.63
N GLU A 52 9.94 5.81 -18.70
CA GLU A 52 11.26 6.44 -18.73
C GLU A 52 12.23 5.63 -17.89
N ASN A 53 11.94 4.36 -17.70
CA ASN A 53 12.76 3.51 -16.84
C ASN A 53 12.89 4.05 -15.41
N TYR A 54 11.86 4.74 -14.95
CA TYR A 54 11.83 5.34 -13.61
C TYR A 54 12.99 6.31 -13.43
N LEU A 55 13.52 6.80 -14.55
CA LEU A 55 14.71 7.64 -14.52
C LEU A 55 15.80 7.02 -13.66
N GLY A 56 15.90 5.69 -13.70
CA GLY A 56 16.90 4.95 -12.96
C GLY A 56 16.71 4.90 -11.45
N VAL A 58 14.40 3.69 -9.41
CA VAL A 58 14.03 2.40 -8.81
C VAL A 58 14.00 1.32 -9.87
N GLU A 59 14.12 0.06 -9.47
CA GLU A 59 14.11 -1.05 -10.42
C GLU A 59 12.67 -1.35 -10.84
N GLY A 60 11.71 -1.01 -9.97
CA GLY A 60 10.30 -1.15 -10.28
C GLY A 60 9.42 -0.64 -9.16
N ALA A 61 8.10 -0.63 -9.39
CA ALA A 61 7.16 -0.10 -8.41
C ALA A 61 5.76 -0.67 -8.64
N GLY A 62 4.95 -0.71 -7.60
CA GLY A 62 3.56 -1.07 -7.74
C GLY A 62 2.69 0.16 -7.46
N PHE A 64 -1.64 1.26 -6.66
CA PHE A 64 -3.06 0.99 -6.60
C PHE A 64 -3.80 2.21 -6.05
N ILE A 65 -5.13 2.21 -6.15
CA ILE A 65 -5.95 3.28 -5.60
C ILE A 65 -6.99 2.73 -4.64
N GLU A 66 -7.12 3.35 -3.48
CA GLU A 66 -8.17 3.04 -2.52
C GLU A 66 -9.16 4.19 -2.45
N GLU A 67 -10.45 3.85 -2.33
CA GLU A 67 -11.49 4.86 -2.15
C GLU A 67 -11.38 5.53 -0.80
N ILE A 68 -11.70 6.83 -0.74
CA ILE A 68 -12.02 7.44 0.53
C ILE A 68 -13.54 7.64 0.54
N HIS A 69 -14.15 7.43 1.71
CA HIS A 69 -15.59 7.62 1.86
C HIS A 69 -15.85 8.85 2.69
N PRO A 70 -16.86 9.64 2.31
CA PRO A 70 -17.79 9.33 1.21
C PRO A 70 -17.27 9.71 -0.17
N GLU A 71 -16.09 10.33 -0.24
CA GLU A 71 -15.67 10.98 -1.48
C GLU A 71 -14.15 11.11 -1.53
N GLY A 72 -13.56 10.99 -2.71
CA GLY A 72 -12.11 11.10 -2.87
C GLY A 72 -11.44 9.73 -2.94
N PHE A 73 -10.11 9.72 -3.01
CA PHE A 73 -9.34 8.48 -3.08
C PHE A 73 -7.89 8.75 -2.72
N SER A 74 -7.14 7.70 -2.40
CA SER A 74 -5.70 7.81 -2.21
C SER A 74 -5.02 6.98 -3.25
N LEU A 75 -3.90 7.51 -3.74
CA LEU A 75 -3.06 6.82 -4.70
C LEU A 75 -1.87 6.26 -3.92
N TYR A 76 -1.56 4.98 -4.14
CA TYR A 76 -0.46 4.34 -3.42
C TYR A 76 0.62 3.88 -4.39
N VAL A 77 1.87 4.23 -4.09
CA VAL A 77 3.00 3.75 -4.88
C VAL A 77 3.99 3.10 -3.96
N HIS A 78 4.24 1.82 -4.20
CA HIS A 78 5.08 1.05 -3.31
C HIS A 78 6.26 0.44 -4.03
N LEU A 79 7.44 0.65 -3.46
CA LEU A 79 8.70 0.36 -4.14
C LEU A 79 9.89 0.39 -3.20
N ASP A 80 11.00 -0.15 -3.68
CA ASP A 80 12.27 -0.06 -2.97
C ASP A 80 12.96 1.23 -3.37
N VAL A 81 12.90 2.22 -2.49
CA VAL A 81 13.48 3.53 -2.77
C VAL A 81 15.00 3.59 -2.48
N ARG A 82 15.56 2.48 -1.99
CA ARG A 82 17.02 2.28 -1.85
C ARG A 82 17.70 3.03 -0.69
N ALA A 83 17.43 4.32 -0.57
CA ALA A 83 18.09 5.16 0.42
C ALA A 83 17.27 6.41 0.70
N VAL A 84 17.44 6.97 1.90
CA VAL A 84 16.70 8.16 2.31
C VAL A 84 16.79 9.31 1.30
N SER A 85 18.00 9.69 0.92
CA SER A 85 18.14 10.81 -0.03
C SER A 85 17.43 10.50 -1.34
N LEU A 86 17.46 9.22 -1.74
CA LEU A 86 16.80 8.83 -2.98
C LEU A 86 15.27 8.88 -2.82
N LEU A 87 14.77 8.41 -1.68
CA LEU A 87 13.36 8.57 -1.33
C LEU A 87 12.91 10.01 -1.51
N GLU A 88 13.67 10.93 -0.93
CA GLU A 88 13.35 12.35 -1.01
C GLU A 88 13.32 12.83 -2.45
N ALA A 89 14.28 12.36 -3.23
CA ALA A 89 14.36 12.70 -4.65
C ALA A 89 13.18 12.13 -5.46
N ILE A 90 12.78 10.91 -5.15
CA ILE A 90 11.62 10.29 -5.84
C ILE A 90 10.34 11.07 -5.52
N VAL A 91 10.13 11.36 -4.24
CA VAL A 91 8.96 12.11 -3.84
C VAL A 91 8.90 13.49 -4.50
N GLN A 92 10.03 14.21 -4.50
CA GLN A 92 10.08 15.52 -5.13
C GLN A 92 9.78 15.41 -6.62
N HIS A 93 10.37 14.43 -7.28
CA HIS A 93 10.11 14.26 -8.71
C HIS A 93 8.63 13.96 -8.99
N LEU A 94 8.06 13.00 -8.28
CA LEU A 94 6.68 12.61 -8.57
C LEU A 94 5.71 13.75 -8.31
N THR A 95 5.94 14.48 -7.22
CA THR A 95 5.06 15.57 -6.81
C THR A 95 5.06 16.68 -7.87
N GLU A 96 6.25 17.09 -8.30
CA GLU A 96 6.38 18.09 -9.35
C GLU A 96 5.78 17.58 -10.67
N ALA A 97 6.05 16.33 -11.01
CA ALA A 97 5.54 15.77 -12.25
C ALA A 97 4.01 15.73 -12.23
N ILE A 98 3.44 15.33 -11.11
CA ILE A 98 1.98 15.28 -11.02
C ILE A 98 1.36 16.67 -11.10
N ILE A 99 1.90 17.60 -10.32
CA ILE A 99 1.32 18.94 -10.28
C ILE A 99 1.40 19.62 -11.65
N SER A 100 2.58 19.60 -12.27
CA SER A 100 2.71 20.24 -13.57
C SER A 100 1.85 19.56 -14.63
N SER A 101 1.80 18.23 -14.63
CA SER A 101 1.00 17.55 -15.65
C SER A 101 -0.52 17.75 -15.49
N LEU A 102 -1.01 17.66 -14.26
CA LEU A 102 -2.44 17.90 -14.05
C LEU A 102 -2.82 19.33 -14.41
N ALA A 103 -1.92 20.28 -14.14
CA ALA A 103 -2.22 21.68 -14.41
C ALA A 103 -2.32 21.93 -15.90
N VAL A 104 -1.44 21.29 -16.66
CA VAL A 104 -1.48 21.36 -18.12
C VAL A 104 -2.78 20.74 -18.64
N GLU A 105 -3.14 19.58 -18.14
CA GLU A 105 -4.38 18.92 -18.57
C GLU A 105 -5.58 19.82 -18.29
N PHE A 106 -5.59 20.42 -17.11
CA PHE A 106 -6.75 21.19 -16.68
C PHE A 106 -6.88 22.47 -17.50
N ASP A 107 -5.75 23.12 -17.70
CA ASP A 107 -5.64 24.30 -18.55
C ASP A 107 -6.24 23.99 -19.94
N HIS A 108 -5.78 22.92 -20.57
CA HIS A 108 -6.24 22.56 -21.90
C HIS A 108 -7.73 22.25 -21.93
N ALA A 109 -8.19 21.49 -20.94
CA ALA A 109 -9.57 21.02 -20.93
C ALA A 109 -10.56 22.14 -20.71
N THR A 110 -10.13 23.22 -20.04
CA THR A 110 -11.03 24.30 -19.67
C THR A 110 -10.80 25.58 -20.47
N GLY A 111 -9.84 25.55 -21.38
CA GLY A 111 -9.49 26.74 -22.13
C GLY A 111 -8.78 27.76 -21.27
N GLY A 112 -7.98 27.29 -20.31
CA GLY A 112 -7.08 28.17 -19.61
C GLY A 112 -7.42 28.54 -18.18
N GLU A 113 -8.40 27.86 -17.59
CA GLU A 113 -8.68 28.04 -16.16
C GLU A 113 -7.60 27.37 -15.33
N ARG A 114 -7.49 27.78 -14.07
CA ARG A 114 -6.50 27.23 -13.14
C ARG A 114 -7.17 26.46 -12.01
N VAL A 115 -6.41 25.55 -11.40
CA VAL A 115 -6.89 24.81 -10.24
C VAL A 115 -5.77 24.68 -9.20
N HIS A 116 -6.14 24.71 -7.94
CA HIS A 116 -5.17 24.72 -6.85
C HIS A 116 -4.65 23.31 -6.58
N LEU A 117 -3.38 23.06 -6.93
CA LEU A 117 -2.79 21.72 -6.89
C LEU A 117 -1.55 21.67 -6.00
N ILE A 118 -1.15 22.80 -5.45
CA ILE A 118 0.14 22.83 -4.77
C ILE A 118 0.13 22.18 -3.39
N ASP A 119 -1.05 21.76 -2.93
CA ASP A 119 -1.16 21.05 -1.67
C ASP A 119 -0.97 19.55 -1.85
N LEU A 120 -0.98 19.08 -3.08
CA LEU A 120 -0.83 17.64 -3.33
C LEU A 120 0.52 17.20 -2.83
N HIS A 121 0.55 16.16 -2.01
CA HIS A 121 1.81 15.68 -1.50
C HIS A 121 1.69 14.22 -1.12
N PHE A 122 2.83 13.56 -1.04
CA PHE A 122 2.87 12.16 -0.62
C PHE A 122 3.21 12.08 0.84
N GLU A 123 2.49 11.25 1.58
CA GLU A 123 2.94 10.79 2.88
C GLU A 123 3.68 9.47 2.70
N VAL A 124 4.67 9.20 3.55
CA VAL A 124 5.45 7.98 3.45
C VAL A 124 5.08 6.98 4.55
N LEU A 125 4.72 5.77 4.16
CA LEU A 125 4.48 4.69 5.11
C LEU A 125 5.76 3.86 5.26
N ASP A 126 6.18 3.65 6.51
CA ASP A 126 7.39 2.89 6.81
C ASP A 126 7.14 1.39 6.72
N ASN A 127 8.16 0.67 6.29
CA ASN A 127 8.11 -0.78 6.28
C ASN A 127 8.29 -1.30 7.71
N LEU A 128 7.21 -1.82 8.28
CA LEU A 128 7.23 -2.19 9.70
C LEU A 128 8.04 -3.45 9.97
N LEU A 129 8.46 -4.16 8.92
CA LEU A 129 9.31 -5.33 9.09
C LEU A 129 10.77 -4.95 9.37
N GLU A 130 11.11 -3.68 9.16
CA GLU A 130 12.50 -3.25 9.38
C GLU A 130 12.89 -3.33 10.85
N PRO B 14 11.29 -6.21 -11.77
CA PRO B 14 10.61 -6.84 -10.64
C PRO B 14 9.16 -7.16 -10.96
N ILE B 16 5.93 -6.97 -8.87
CA ILE B 16 5.53 -6.42 -7.59
C ILE B 16 4.03 -6.57 -7.37
N ARG B 17 3.66 -7.11 -6.21
CA ARG B 17 2.25 -7.18 -5.82
C ARG B 17 2.07 -6.57 -4.44
N CYS B 18 0.85 -6.12 -4.16
CA CYS B 18 0.47 -5.74 -2.81
C CYS B 18 -0.78 -6.51 -2.37
N LEU B 19 -0.73 -7.06 -1.17
CA LEU B 19 -1.87 -7.75 -0.60
C LEU B 19 -2.46 -6.83 0.45
N ARG B 20 -3.76 -6.92 0.67
CA ARG B 20 -4.37 -6.16 1.75
C ARG B 20 -5.28 -7.05 2.56
N LEU B 21 -5.14 -6.95 3.87
CA LEU B 21 -5.96 -7.67 4.83
C LEU B 21 -6.54 -6.67 5.83
N LYS B 22 -7.85 -6.74 6.05
CA LYS B 22 -8.44 -5.87 7.06
C LYS B 22 -8.42 -6.53 8.42
N VAL B 23 -7.94 -5.80 9.41
CA VAL B 23 -8.05 -6.26 10.80
C VAL B 23 -9.16 -5.45 11.48
N GLU B 24 -10.23 -6.16 11.85
CA GLU B 24 -11.35 -5.53 12.52
C GLU B 24 -10.96 -4.89 13.83
N GLY B 25 -11.52 -3.73 14.13
CA GLY B 25 -11.24 -3.07 15.39
C GLY B 25 -11.57 -3.97 16.57
N ALA B 26 -12.62 -4.77 16.45
CA ALA B 26 -13.03 -5.65 17.53
C ALA B 26 -12.04 -6.82 17.69
N LEU B 27 -11.44 -7.24 16.58
CA LEU B 27 -10.43 -8.30 16.66
C LEU B 27 -9.21 -7.78 17.40
N GLU B 28 -8.76 -6.58 17.04
CA GLU B 28 -7.65 -5.95 17.73
C GLU B 28 -7.92 -5.81 19.25
N GLN B 29 -9.15 -5.47 19.60
CA GLN B 29 -9.51 -5.32 21.01
C GLN B 29 -9.51 -6.67 21.72
N ILE B 30 -10.10 -7.69 21.08
CA ILE B 30 -10.00 -9.04 21.62
C ILE B 30 -8.54 -9.39 21.98
N PHE B 31 -7.61 -9.20 21.05
CA PHE B 31 -6.21 -9.48 21.35
C PHE B 31 -5.66 -8.62 22.48
N THR B 32 -5.99 -7.32 22.46
CA THR B 32 -5.55 -6.42 23.52
C THR B 32 -5.99 -6.89 24.91
N ALA B 34 -6.55 -9.80 25.86
CA ALA B 34 -5.79 -11.00 26.25
C ALA B 34 -4.35 -10.65 26.58
N GLY B 35 -4.05 -9.35 26.61
CA GLY B 35 -2.70 -8.85 26.83
C GLY B 35 -1.79 -8.90 25.61
N LEU B 36 -2.36 -9.05 24.42
CA LEU B 36 -1.54 -9.15 23.21
C LEU B 36 -1.67 -7.91 22.32
N ASN B 37 -0.59 -7.59 21.62
CA ASN B 37 -0.58 -6.51 20.65
C ASN B 37 -0.50 -7.14 19.25
N ILE B 38 -1.65 -7.19 18.59
CA ILE B 38 -1.77 -7.94 17.34
C ILE B 38 -0.91 -7.36 16.22
N ARG B 39 -0.63 -6.05 16.29
CA ARG B 39 0.26 -5.41 15.30
C ARG B 39 1.69 -5.90 15.47
N ASP B 40 2.15 -5.94 16.72
CA ASP B 40 3.47 -6.49 17.01
C ASP B 40 3.56 -7.97 16.61
N LEU B 41 2.52 -8.74 16.89
CA LEU B 41 2.52 -10.16 16.51
C LEU B 41 2.60 -10.34 14.99
N LEU B 42 1.80 -9.58 14.26
CA LEU B 42 1.82 -9.66 12.82
C LEU B 42 3.20 -9.31 12.25
N ARG B 43 3.81 -8.27 12.81
CA ARG B 43 5.16 -7.89 12.42
C ARG B 43 6.12 -9.06 12.63
N ASP B 44 6.02 -9.72 13.79
CA ASP B 44 6.88 -10.87 14.06
C ASP B 44 6.60 -12.03 13.08
N ILE B 45 5.33 -12.30 12.82
CA ILE B 45 4.98 -13.40 11.92
C ILE B 45 5.53 -13.14 10.52
N LEU B 46 5.32 -11.93 10.03
CA LEU B 46 5.81 -11.55 8.72
C LEU B 46 7.34 -11.53 8.62
N ARG B 47 8.01 -11.01 9.65
CA ARG B 47 9.48 -11.02 9.65
C ARG B 47 9.99 -12.45 9.51
N ARG B 48 9.39 -13.33 10.29
CA ARG B 48 9.77 -14.74 10.29
C ARG B 48 9.48 -15.37 8.93
N TRP B 49 8.31 -15.06 8.37
CA TRP B 49 7.93 -15.58 7.07
C TRP B 49 8.84 -15.04 5.96
N ARG B 50 9.16 -13.75 6.02
CA ARG B 50 10.10 -13.13 5.08
C ARG B 50 11.47 -13.82 5.12
N ASP B 51 11.94 -14.10 6.32
CA ASP B 51 13.25 -14.72 6.50
C ASP B 51 13.24 -16.16 6.00
N GLU B 52 12.11 -16.83 6.17
CA GLU B 52 11.96 -18.24 5.79
C GLU B 52 11.60 -18.44 4.32
N ASN B 53 11.64 -17.35 3.53
CA ASN B 53 11.32 -17.37 2.11
C ASN B 53 12.20 -16.46 1.25
N TYR B 54 13.12 -15.76 1.89
CA TYR B 54 13.88 -14.78 1.15
C TYR B 54 14.91 -15.48 0.28
N LEU B 55 15.00 -15.04 -0.97
CA LEU B 55 15.79 -15.70 -2.00
C LEU B 55 15.06 -16.90 -2.59
N GLY B 56 13.85 -17.16 -2.12
CA GLY B 56 12.99 -18.21 -2.68
C GLY B 56 11.92 -17.65 -3.58
N VAL B 58 9.83 -15.17 -2.93
CA VAL B 58 9.75 -13.71 -2.84
C VAL B 58 11.13 -13.11 -2.54
N GLU B 59 11.60 -12.26 -3.45
CA GLU B 59 12.90 -11.62 -3.33
C GLU B 59 12.84 -10.43 -2.36
N GLY B 60 11.64 -10.03 -1.98
CA GLY B 60 11.46 -8.92 -1.06
C GLY B 60 10.05 -8.83 -0.51
N ALA B 61 9.93 -8.31 0.71
CA ALA B 61 8.63 -8.17 1.36
C ALA B 61 8.62 -6.99 2.34
N GLY B 62 7.57 -6.20 2.30
CA GLY B 62 7.38 -5.14 3.27
C GLY B 62 5.99 -5.20 3.87
N PHE B 64 2.94 -2.65 5.69
CA PHE B 64 2.48 -1.30 6.02
C PHE B 64 1.16 -1.41 6.76
N ILE B 65 0.94 -0.50 7.71
CA ILE B 65 -0.33 -0.44 8.42
C ILE B 65 -0.97 0.94 8.27
N GLU B 66 -2.24 0.95 7.94
CA GLU B 66 -2.96 2.19 7.77
C GLU B 66 -4.21 2.12 8.62
N GLU B 67 -4.38 3.12 9.49
CA GLU B 67 -5.51 3.16 10.40
C GLU B 67 -6.85 3.14 9.66
N ILE B 68 -7.83 2.50 10.26
CA ILE B 68 -9.20 2.66 9.83
C ILE B 68 -9.93 3.37 10.97
N HIS B 69 -10.75 4.35 10.64
CA HIS B 69 -11.46 5.10 11.67
C HIS B 69 -12.89 4.61 11.69
N PRO B 70 -13.47 4.50 12.90
CA PRO B 70 -12.81 4.87 14.16
C PRO B 70 -11.85 3.81 14.74
N GLU B 71 -11.85 2.60 14.20
CA GLU B 71 -10.94 1.59 14.71
C GLU B 71 -10.68 0.49 13.69
N GLY B 72 -9.71 -0.37 13.98
CA GLY B 72 -9.29 -1.36 13.00
C GLY B 72 -8.16 -0.80 12.14
N PHE B 73 -7.61 -1.66 11.28
CA PHE B 73 -6.56 -1.19 10.39
C PHE B 73 -6.46 -2.09 9.17
N SER B 74 -5.86 -1.53 8.12
CA SER B 74 -5.52 -2.26 6.93
C SER B 74 -4.07 -2.70 7.03
N LEU B 75 -3.83 -3.97 6.75
CA LEU B 75 -2.49 -4.51 6.70
C LEU B 75 -2.13 -4.70 5.23
N TYR B 76 -1.11 -3.98 4.77
CA TYR B 76 -0.63 -4.12 3.41
C TYR B 76 0.68 -4.88 3.38
N VAL B 77 0.76 -5.83 2.47
CA VAL B 77 1.99 -6.59 2.29
C VAL B 77 2.54 -6.38 0.87
N HIS B 78 3.68 -5.72 0.80
CA HIS B 78 4.41 -5.53 -0.44
C HIS B 78 5.20 -6.79 -0.74
N LEU B 79 5.10 -7.30 -1.96
CA LEU B 79 5.83 -8.51 -2.34
C LEU B 79 6.55 -8.31 -3.68
N ASP B 80 7.83 -8.67 -3.74
CA ASP B 80 8.49 -8.79 -5.03
C ASP B 80 8.58 -10.28 -5.31
N VAL B 81 7.73 -10.79 -6.20
CA VAL B 81 7.66 -12.23 -6.43
C VAL B 81 8.53 -12.70 -7.59
N ARG B 82 9.10 -13.89 -7.44
CA ARG B 82 10.00 -14.49 -8.40
C ARG B 82 9.30 -14.80 -9.74
N ALA B 83 8.02 -15.15 -9.66
CA ALA B 83 7.21 -15.33 -10.87
C ALA B 83 5.75 -15.16 -10.51
N VAL B 84 4.96 -14.64 -11.45
CA VAL B 84 3.56 -14.37 -11.16
C VAL B 84 2.76 -15.61 -10.75
N SER B 85 3.07 -16.75 -11.36
CA SER B 85 2.30 -17.97 -11.11
C SER B 85 2.47 -18.51 -9.69
N LEU B 86 3.43 -17.96 -8.95
CA LEU B 86 3.70 -18.40 -7.57
C LEU B 86 2.81 -17.72 -6.54
N LEU B 87 2.07 -16.70 -6.96
CA LEU B 87 1.32 -15.86 -6.02
C LEU B 87 0.31 -16.64 -5.18
N GLU B 88 -0.42 -17.54 -5.83
CA GLU B 88 -1.43 -18.31 -5.14
C GLU B 88 -0.83 -19.10 -3.98
N ALA B 89 0.29 -19.75 -4.23
CA ALA B 89 0.95 -20.54 -3.20
C ALA B 89 1.56 -19.62 -2.13
N ILE B 90 2.06 -18.47 -2.56
CA ILE B 90 2.62 -17.51 -1.60
C ILE B 90 1.52 -17.03 -0.64
N VAL B 91 0.40 -16.60 -1.20
CA VAL B 91 -0.68 -16.06 -0.40
C VAL B 91 -1.25 -17.15 0.53
N GLN B 92 -1.35 -18.37 0.02
CA GLN B 92 -1.84 -19.48 0.82
C GLN B 92 -0.98 -19.70 2.06
N HIS B 93 0.34 -19.79 1.85
CA HIS B 93 1.25 -20.07 2.95
C HIS B 93 1.29 -18.92 3.94
N LEU B 94 1.25 -17.69 3.45
CA LEU B 94 1.28 -16.53 4.34
C LEU B 94 0.01 -16.49 5.21
N THR B 95 -1.14 -16.70 4.58
CA THR B 95 -2.41 -16.71 5.29
C THR B 95 -2.42 -17.75 6.43
N GLU B 96 -1.97 -18.95 6.11
CA GLU B 96 -1.90 -20.04 7.07
C GLU B 96 -0.98 -19.71 8.24
N ALA B 97 0.21 -19.19 7.93
CA ALA B 97 1.13 -18.79 8.98
C ALA B 97 0.53 -17.73 9.91
N ILE B 98 -0.17 -16.73 9.36
CA ILE B 98 -0.78 -15.70 10.18
C ILE B 98 -1.87 -16.28 11.10
N ILE B 99 -2.82 -17.02 10.52
CA ILE B 99 -3.95 -17.54 11.28
C ILE B 99 -3.50 -18.51 12.37
N SER B 100 -2.65 -19.44 11.98
CA SER B 100 -2.14 -20.44 12.90
C SER B 100 -1.33 -19.79 14.03
N SER B 101 -0.50 -18.80 13.68
CA SER B 101 0.35 -18.17 14.67
C SER B 101 -0.44 -17.29 15.64
N LEU B 102 -1.43 -16.57 15.15
CA LEU B 102 -2.28 -15.77 16.02
C LEU B 102 -3.09 -16.69 16.95
N ALA B 103 -3.59 -17.78 16.39
CA ALA B 103 -4.38 -18.75 17.15
C ALA B 103 -3.56 -19.34 18.30
N VAL B 104 -2.33 -19.75 17.99
CA VAL B 104 -1.43 -20.25 19.03
C VAL B 104 -1.20 -19.19 20.13
N GLU B 105 -0.89 -17.97 19.75
CA GLU B 105 -0.62 -16.93 20.76
C GLU B 105 -1.86 -16.68 21.62
N PHE B 106 -3.02 -16.61 20.98
CA PHE B 106 -4.26 -16.33 21.71
C PHE B 106 -4.56 -17.45 22.71
N ASP B 107 -4.47 -18.69 22.24
CA ASP B 107 -4.61 -19.85 23.11
C ASP B 107 -3.71 -19.72 24.33
N HIS B 108 -2.44 -19.40 24.12
CA HIS B 108 -1.53 -19.34 25.24
C HIS B 108 -1.84 -18.19 26.20
N ALA B 109 -2.24 -17.05 25.65
CA ALA B 109 -2.50 -15.87 26.48
C ALA B 109 -3.76 -16.02 27.31
N THR B 110 -4.69 -16.85 26.85
CA THR B 110 -5.98 -16.94 27.52
C THR B 110 -6.19 -18.27 28.26
N GLY B 111 -5.20 -19.16 28.26
CA GLY B 111 -5.42 -20.46 28.85
C GLY B 111 -6.34 -21.34 28.03
N GLY B 112 -6.45 -21.06 26.73
CA GLY B 112 -7.15 -21.97 25.85
C GLY B 112 -8.47 -21.47 25.30
N GLU B 113 -8.74 -20.17 25.38
CA GLU B 113 -9.91 -19.62 24.70
C GLU B 113 -9.62 -19.62 23.21
N ARG B 114 -10.69 -19.56 22.42
CA ARG B 114 -10.58 -19.49 20.98
C ARG B 114 -11.04 -18.14 20.48
N VAL B 115 -10.59 -17.77 19.30
CA VAL B 115 -11.07 -16.55 18.65
C VAL B 115 -11.27 -16.87 17.20
N HIS B 116 -12.27 -16.24 16.59
CA HIS B 116 -12.62 -16.54 15.21
C HIS B 116 -11.63 -15.84 14.27
N LEU B 117 -10.83 -16.61 13.55
CA LEU B 117 -9.77 -16.08 12.69
C LEU B 117 -9.82 -16.59 11.26
N ILE B 118 -10.56 -17.67 11.04
CA ILE B 118 -10.49 -18.36 9.76
C ILE B 118 -11.13 -17.58 8.61
N ASP B 119 -11.56 -16.37 8.89
CA ASP B 119 -12.04 -15.49 7.83
C ASP B 119 -10.98 -14.47 7.43
N LEU B 120 -9.89 -14.41 8.18
CA LEU B 120 -8.79 -13.53 7.79
C LEU B 120 -8.35 -13.95 6.40
N HIS B 121 -8.31 -12.99 5.49
CA HIS B 121 -7.90 -13.30 4.12
C HIS B 121 -7.40 -12.06 3.41
N PHE B 122 -6.42 -12.25 2.54
CA PHE B 122 -5.88 -11.16 1.74
C PHE B 122 -6.63 -10.94 0.43
N GLU B 123 -6.75 -9.68 0.05
CA GLU B 123 -7.03 -9.36 -1.34
C GLU B 123 -5.73 -9.00 -2.07
N VAL B 124 -5.57 -9.54 -3.27
CA VAL B 124 -4.48 -9.15 -4.15
C VAL B 124 -4.91 -7.86 -4.85
N LEU B 125 -4.27 -6.75 -4.51
CA LEU B 125 -4.62 -5.47 -5.09
C LEU B 125 -4.14 -5.40 -6.53
N ASP B 126 -4.73 -4.49 -7.29
CA ASP B 126 -4.31 -4.24 -8.64
C ASP B 126 -2.90 -3.67 -8.62
N ASN B 127 -2.10 -4.01 -9.62
CA ASN B 127 -0.89 -3.26 -9.85
C ASN B 127 -0.94 -2.57 -11.21
N LEU B 128 -1.40 -1.33 -11.22
CA LEU B 128 -1.57 -0.55 -12.45
C LEU B 128 -0.27 -0.20 -13.22
N LEU B 129 0.89 -0.38 -12.57
CA LEU B 129 2.17 -0.25 -13.28
C LEU B 129 2.61 -1.57 -13.91
N GLU B 130 1.84 -2.61 -13.63
CA GLU B 130 1.96 -3.96 -14.20
C GLU B 130 3.28 -4.21 -14.91
#